data_4PSE
#
_entry.id   4PSE
#
_cell.length_a   49.043
_cell.length_b   37.544
_cell.length_c   133.009
_cell.angle_alpha   90.00
_cell.angle_beta   97.38
_cell.angle_gamma   90.00
#
_symmetry.space_group_name_H-M   'P 1 21 1'
#
loop_
_entity.id
_entity.type
_entity.pdbx_description
1 polymer 'Carbohydrate esterase family 5'
2 non-polymer 'UNDECYL-PHOSPHINIC ACID BUTYL ESTER'
3 non-polymer 'octyl beta-D-glucopyranoside'
4 water water
#
_entity_poly.entity_id   1
_entity_poly.type   'polypeptide(L)'
_entity_poly.pdbx_seq_one_letter_code
;MRSLAILTTLLAGHAFAYPKPAPQSVNRRDWPSINEFLSELAKVMPIGDTITAACDLISDGEDAAASLFGISETENDPCG
DVTVLFARGTCDPGNVGVLVGPWFFDSLQTALGSRTLGVKGVPYPASVQDFLSGSVQNGINMANQIKSVLQSCPNTKLVL
GGYSQGSMVVHNAASNLDAATMSKISAVVLFGDPYYGKPVANFDAAKTLVVCHDGDNICQGGDIILLPHLTYAEDADTAA
AFVVPLVSHHHHHH
;
_entity_poly.pdbx_strand_id   A,B
#
loop_
_chem_comp.id
_chem_comp.type
_chem_comp.name
_chem_comp.formula
BOG D-saccharide 'octyl beta-D-glucopyranoside' 'C14 H28 O6'
C11 non-polymer 'UNDECYL-PHOSPHINIC ACID BUTYL ESTER' 'C15 H33 O2 P'
#
# COMPACT_ATOMS: atom_id res chain seq x y z
N TRP A 31 9.60 -5.56 11.05
CA TRP A 31 9.80 -6.01 9.67
C TRP A 31 11.21 -6.59 9.33
N PRO A 32 12.33 -6.28 10.03
CA PRO A 32 13.63 -6.86 9.60
C PRO A 32 13.68 -8.39 9.47
N SER A 33 13.12 -9.12 10.46
CA SER A 33 13.06 -10.58 10.42
C SER A 33 12.08 -11.04 9.35
N ILE A 34 10.97 -10.28 9.12
CA ILE A 34 9.97 -10.57 8.08
C ILE A 34 10.68 -10.50 6.73
N ASN A 35 11.48 -9.44 6.49
CA ASN A 35 12.23 -9.26 5.26
C ASN A 35 13.31 -10.31 5.06
N GLU A 36 13.98 -10.69 6.16
CA GLU A 36 15.01 -11.75 6.16
C GLU A 36 14.40 -13.07 5.71
N PHE A 37 13.20 -13.40 6.23
CA PHE A 37 12.45 -14.61 5.88
C PHE A 37 11.94 -14.55 4.45
N LEU A 38 11.37 -13.40 4.03
CA LEU A 38 10.85 -13.19 2.67
C LEU A 38 11.96 -13.28 1.65
N SER A 39 13.18 -12.81 2.00
CA SER A 39 14.34 -12.87 1.13
C SER A 39 14.76 -14.32 0.88
N GLU A 40 14.65 -15.19 1.90
CA GLU A 40 14.98 -16.62 1.81
C GLU A 40 13.97 -17.30 0.87
N LEU A 41 12.68 -16.91 0.98
CA LEU A 41 11.58 -17.43 0.14
C LEU A 41 11.75 -17.03 -1.33
N ALA A 42 12.39 -15.88 -1.59
CA ALA A 42 12.66 -15.40 -2.94
C ALA A 42 13.66 -16.31 -3.68
N LYS A 43 14.38 -17.18 -2.92
CA LYS A 43 15.38 -18.15 -3.39
C LYS A 43 14.83 -19.59 -3.48
N VAL A 44 13.51 -19.81 -3.27
CA VAL A 44 12.92 -21.17 -3.31
C VAL A 44 12.36 -21.57 -4.73
N MET A 45 12.79 -20.84 -5.80
CA MET A 45 12.36 -21.00 -7.21
C MET A 45 10.84 -20.76 -7.45
N PRO A 46 10.16 -19.92 -6.60
CA PRO A 46 8.70 -19.77 -6.72
C PRO A 46 8.33 -18.31 -7.04
N ILE A 47 8.23 -17.51 -5.96
CA ILE A 47 7.97 -16.08 -5.91
C ILE A 47 9.09 -15.32 -6.64
N GLY A 48 10.29 -15.90 -6.71
CA GLY A 48 11.47 -15.33 -7.37
C GLY A 48 11.17 -14.74 -8.73
N ASP A 49 10.73 -15.59 -9.68
CA ASP A 49 10.36 -15.20 -11.04
C ASP A 49 9.10 -14.34 -11.09
N THR A 50 8.11 -14.66 -10.21
CA THR A 50 6.82 -13.99 -10.04
C THR A 50 7.03 -12.54 -9.59
N ILE A 51 7.92 -12.34 -8.58
CA ILE A 51 8.27 -11.02 -8.05
C ILE A 51 8.93 -10.19 -9.15
N THR A 52 9.99 -10.74 -9.79
CA THR A 52 10.77 -10.10 -10.84
C THR A 52 9.90 -9.64 -12.02
N ALA A 53 8.98 -10.51 -12.51
CA ALA A 53 8.07 -10.19 -13.62
C ALA A 53 7.14 -9.02 -13.32
N ALA A 54 6.57 -9.00 -12.11
CA ALA A 54 5.66 -7.99 -11.59
C ALA A 54 6.38 -6.65 -11.51
N CYS A 55 7.61 -6.66 -10.96
CA CYS A 55 8.47 -5.47 -10.87
C CYS A 55 8.79 -4.97 -12.29
N ASP A 56 9.13 -5.90 -13.23
CA ASP A 56 9.44 -5.55 -14.62
C ASP A 56 8.25 -4.92 -15.36
N LEU A 57 7.03 -5.39 -15.07
CA LEU A 57 5.76 -4.91 -15.62
C LEU A 57 5.48 -3.49 -15.10
N ILE A 58 5.68 -3.27 -13.78
CA ILE A 58 5.52 -1.96 -13.12
C ILE A 58 6.49 -0.98 -13.78
N SER A 59 7.76 -1.39 -13.96
CA SER A 59 8.82 -0.58 -14.59
C SER A 59 8.43 -0.16 -16.00
N ASP A 60 7.93 -1.11 -16.82
CA ASP A 60 7.48 -0.85 -18.20
C ASP A 60 6.31 0.13 -18.26
N GLY A 61 5.37 -0.01 -17.32
CA GLY A 61 4.21 0.86 -17.18
C GLY A 61 4.62 2.28 -16.83
N GLU A 62 5.62 2.41 -15.93
CA GLU A 62 6.19 3.69 -15.54
C GLU A 62 6.97 4.31 -16.70
N ASP A 63 7.70 3.47 -17.47
CA ASP A 63 8.49 3.87 -18.64
C ASP A 63 7.56 4.40 -19.75
N ALA A 64 6.39 3.76 -19.93
CA ALA A 64 5.38 4.15 -20.93
C ALA A 64 4.81 5.53 -20.59
N ALA A 65 4.58 5.79 -19.29
CA ALA A 65 4.08 7.08 -18.79
C ALA A 65 5.14 8.18 -18.96
N ALA A 66 6.43 7.84 -18.77
CA ALA A 66 7.56 8.77 -18.92
C ALA A 66 7.70 9.31 -20.35
N SER A 67 7.63 8.41 -21.35
CA SER A 67 7.73 8.73 -22.77
C SER A 67 6.53 9.55 -23.27
N LEU A 68 5.34 9.35 -22.66
CA LEU A 68 4.10 10.07 -22.98
C LEU A 68 4.16 11.53 -22.52
N PHE A 69 4.69 11.78 -21.31
CA PHE A 69 4.78 13.14 -20.74
C PHE A 69 6.15 13.81 -20.90
N GLY A 70 7.05 13.20 -21.67
CA GLY A 70 8.39 13.71 -21.94
C GLY A 70 9.32 13.77 -20.74
N ILE A 71 9.13 12.84 -19.78
CA ILE A 71 9.94 12.75 -18.55
C ILE A 71 11.18 11.90 -18.81
N SER A 72 12.38 12.45 -18.52
CA SER A 72 13.64 11.74 -18.71
C SER A 72 13.86 10.82 -17.52
N GLU A 73 13.84 9.50 -17.78
CA GLU A 73 14.03 8.45 -16.76
C GLU A 73 15.49 8.01 -16.67
N THR A 74 16.37 8.57 -17.50
CA THR A 74 17.79 8.24 -17.54
C THR A 74 18.64 9.49 -17.59
N GLU A 75 19.61 9.59 -16.67
CA GLU A 75 20.56 10.70 -16.60
C GLU A 75 21.97 10.16 -16.41
N ASN A 76 22.91 10.64 -17.24
CA ASN A 76 24.32 10.24 -17.19
C ASN A 76 25.15 11.44 -17.62
N ASP A 77 24.82 12.63 -17.06
CA ASP A 77 25.53 13.86 -17.41
C ASP A 77 26.94 13.90 -16.89
N PRO A 78 27.87 14.61 -17.59
CA PRO A 78 29.17 14.88 -17.00
C PRO A 78 28.92 15.83 -15.81
N CYS A 79 29.86 15.92 -14.87
CA CYS A 79 29.71 16.79 -13.71
C CYS A 79 29.43 18.23 -14.12
N GLY A 80 28.55 18.88 -13.41
CA GLY A 80 28.29 20.30 -13.60
C GLY A 80 28.96 21.06 -12.48
N ASP A 81 28.52 22.32 -12.25
CA ASP A 81 28.94 23.14 -11.11
C ASP A 81 28.47 22.38 -9.86
N VAL A 82 27.26 21.82 -9.97
CA VAL A 82 26.64 20.95 -8.97
C VAL A 82 26.36 19.62 -9.66
N THR A 83 26.65 18.50 -8.99
CA THR A 83 26.39 17.19 -9.54
C THR A 83 25.51 16.44 -8.55
N VAL A 84 24.44 15.78 -9.03
CA VAL A 84 23.60 14.93 -8.20
C VAL A 84 23.76 13.51 -8.67
N LEU A 85 24.05 12.62 -7.72
CA LEU A 85 24.14 11.20 -7.90
C LEU A 85 22.86 10.70 -7.25
N PHE A 86 21.94 10.14 -8.03
CA PHE A 86 20.62 9.76 -7.53
C PHE A 86 20.32 8.31 -7.72
N ALA A 87 19.90 7.64 -6.63
CA ALA A 87 19.56 6.22 -6.69
C ALA A 87 18.04 6.14 -6.64
N ARG A 88 17.45 5.57 -7.69
CA ARG A 88 16.01 5.51 -7.84
C ARG A 88 15.35 4.45 -6.93
N GLY A 89 14.02 4.38 -6.99
CA GLY A 89 13.27 3.42 -6.20
C GLY A 89 13.12 2.06 -6.88
N THR A 90 12.63 1.09 -6.13
CA THR A 90 12.39 -0.26 -6.65
C THR A 90 11.41 -0.17 -7.82
N CYS A 91 11.71 -0.91 -8.91
CA CYS A 91 10.89 -0.92 -10.15
C CYS A 91 10.88 0.41 -10.90
N ASP A 92 11.67 1.43 -10.48
CA ASP A 92 11.73 2.71 -11.20
C ASP A 92 12.45 2.43 -12.53
N PRO A 93 11.96 2.94 -13.68
CA PRO A 93 12.65 2.69 -14.96
C PRO A 93 13.93 3.50 -15.11
N GLY A 94 14.78 3.13 -16.06
CA GLY A 94 16.02 3.84 -16.35
C GLY A 94 16.96 3.87 -15.15
N ASN A 95 17.62 5.02 -14.91
CA ASN A 95 18.51 5.12 -13.75
C ASN A 95 18.08 6.20 -12.74
N VAL A 96 17.01 6.96 -13.05
CA VAL A 96 16.48 7.99 -12.14
C VAL A 96 14.99 7.83 -11.85
N GLY A 97 14.32 6.95 -12.61
CA GLY A 97 12.88 6.73 -12.44
C GLY A 97 12.03 7.89 -12.91
N VAL A 98 10.72 7.89 -12.55
CA VAL A 98 9.77 8.89 -13.00
C VAL A 98 9.09 9.61 -11.85
N LEU A 99 8.87 8.91 -10.73
CA LEU A 99 8.11 9.43 -9.60
C LEU A 99 8.75 10.57 -8.84
N VAL A 100 10.08 10.53 -8.65
CA VAL A 100 10.73 11.48 -7.76
C VAL A 100 11.90 12.22 -8.35
N GLY A 101 12.91 11.47 -8.77
CA GLY A 101 14.17 12.01 -9.30
C GLY A 101 14.01 13.18 -10.25
N PRO A 102 13.32 12.97 -11.41
CA PRO A 102 13.18 14.07 -12.39
C PRO A 102 12.69 15.40 -11.87
N TRP A 103 11.74 15.37 -10.93
CA TRP A 103 11.12 16.57 -10.34
C TRP A 103 12.10 17.31 -9.44
N PHE A 104 12.88 16.55 -8.68
CA PHE A 104 13.92 17.08 -7.82
C PHE A 104 15.00 17.77 -8.67
N PHE A 105 15.42 17.16 -9.79
CA PHE A 105 16.47 17.72 -10.65
C PHE A 105 16.01 19.00 -11.28
N ASP A 106 14.75 19.03 -11.74
CA ASP A 106 14.13 20.21 -12.35
C ASP A 106 14.05 21.36 -11.33
N SER A 107 13.59 21.07 -10.07
CA SER A 107 13.49 22.10 -9.03
C SER A 107 14.88 22.60 -8.63
N LEU A 108 15.85 21.68 -8.55
CA LEU A 108 17.22 22.04 -8.21
C LEU A 108 17.85 22.92 -9.28
N GLN A 109 17.71 22.54 -10.56
CA GLN A 109 18.26 23.37 -11.64
C GLN A 109 17.62 24.76 -11.65
N THR A 110 16.29 24.85 -11.41
CA THR A 110 15.58 26.14 -11.34
C THR A 110 16.15 27.01 -10.20
N ALA A 111 16.33 26.40 -9.01
CA ALA A 111 16.85 27.09 -7.84
C ALA A 111 18.32 27.50 -8.00
N LEU A 112 19.10 26.76 -8.84
CA LEU A 112 20.50 27.08 -9.09
C LEU A 112 20.72 28.20 -10.12
N GLY A 113 19.67 28.53 -10.86
CA GLY A 113 19.74 29.57 -11.90
C GLY A 113 20.67 29.18 -13.03
N SER A 114 21.70 30.02 -13.26
CA SER A 114 22.68 29.86 -14.34
C SER A 114 23.72 28.78 -14.07
N ARG A 115 23.90 28.38 -12.81
CA ARG A 115 24.86 27.32 -12.41
C ARG A 115 24.38 25.98 -12.93
N THR A 116 25.24 25.25 -13.68
CA THR A 116 24.89 23.96 -14.29
C THR A 116 24.74 22.84 -13.28
N LEU A 117 23.71 22.04 -13.51
CA LEU A 117 23.45 20.83 -12.74
C LEU A 117 23.70 19.66 -13.66
N GLY A 118 24.53 18.75 -13.18
CA GLY A 118 24.82 17.51 -13.88
C GLY A 118 24.17 16.42 -13.06
N VAL A 119 23.37 15.56 -13.70
CA VAL A 119 22.70 14.48 -12.98
C VAL A 119 23.21 13.15 -13.44
N LYS A 120 23.55 12.27 -12.49
CA LYS A 120 24.00 10.92 -12.77
C LYS A 120 23.12 9.97 -11.97
N GLY A 121 22.45 9.06 -12.66
CA GLY A 121 21.67 8.04 -11.99
C GLY A 121 22.58 6.95 -11.51
N VAL A 122 22.23 6.29 -10.40
CA VAL A 122 23.03 5.21 -9.88
C VAL A 122 22.62 3.95 -10.63
N PRO A 123 23.53 3.36 -11.46
CA PRO A 123 23.16 2.15 -12.20
C PRO A 123 23.18 0.92 -11.29
N TYR A 124 21.98 0.50 -10.91
CA TYR A 124 21.76 -0.66 -10.07
C TYR A 124 20.42 -1.29 -10.42
N PRO A 125 20.19 -2.58 -10.09
CA PRO A 125 18.95 -3.24 -10.52
C PRO A 125 17.63 -2.68 -10.02
N ALA A 126 17.61 -2.08 -8.81
CA ALA A 126 16.40 -1.56 -8.14
C ALA A 126 15.33 -2.68 -8.12
N SER A 127 15.76 -3.87 -7.68
CA SER A 127 14.92 -5.04 -7.62
C SER A 127 14.29 -5.22 -6.26
N VAL A 128 13.13 -5.92 -6.22
CA VAL A 128 12.44 -6.21 -4.96
C VAL A 128 13.36 -7.06 -4.07
N GLN A 129 14.04 -8.05 -4.68
CA GLN A 129 14.96 -8.97 -3.99
C GLN A 129 16.05 -8.21 -3.23
N ASP A 130 16.65 -7.21 -3.88
CA ASP A 130 17.69 -6.38 -3.25
C ASP A 130 17.11 -5.52 -2.13
N PHE A 131 15.85 -5.05 -2.29
CA PHE A 131 15.20 -4.27 -1.22
C PHE A 131 15.05 -5.15 0.00
N LEU A 132 14.56 -6.38 -0.19
CA LEU A 132 14.33 -7.30 0.91
C LEU A 132 15.61 -7.69 1.65
N SER A 133 16.73 -7.81 0.92
CA SER A 133 18.05 -8.19 1.50
C SER A 133 18.86 -7.01 2.05
N GLY A 134 18.39 -5.79 1.82
CA GLY A 134 19.08 -4.61 2.32
C GLY A 134 19.96 -3.87 1.32
N SER A 135 20.00 -4.34 0.06
CA SER A 135 20.72 -3.73 -1.07
C SER A 135 22.21 -3.43 -0.75
N VAL A 136 22.84 -4.34 -0.01
CA VAL A 136 24.23 -4.20 0.45
C VAL A 136 25.22 -4.04 -0.72
N GLN A 137 25.10 -4.92 -1.74
CA GLN A 137 26.00 -4.92 -2.90
C GLN A 137 25.91 -3.58 -3.66
N ASN A 138 24.70 -3.04 -3.73
CA ASN A 138 24.47 -1.77 -4.41
C ASN A 138 25.07 -0.60 -3.67
N GLY A 139 25.12 -0.70 -2.34
CA GLY A 139 25.76 0.31 -1.51
C GLY A 139 27.26 0.34 -1.74
N ILE A 140 27.85 -0.85 -1.92
CA ILE A 140 29.29 -0.98 -2.19
C ILE A 140 29.61 -0.31 -3.52
N ASN A 141 28.80 -0.61 -4.55
CA ASN A 141 28.97 0.01 -5.87
C ASN A 141 28.79 1.52 -5.84
N MET A 142 27.72 2.00 -5.18
CA MET A 142 27.50 3.46 -5.11
C MET A 142 28.63 4.20 -4.38
N ALA A 143 29.17 3.63 -3.28
CA ALA A 143 30.31 4.20 -2.61
C ALA A 143 31.50 4.34 -3.59
N ASN A 144 31.73 3.32 -4.44
CA ASN A 144 32.83 3.40 -5.42
C ASN A 144 32.55 4.45 -6.49
N GLN A 145 31.28 4.60 -6.91
CA GLN A 145 30.83 5.62 -7.85
C GLN A 145 31.04 7.03 -7.29
N ILE A 146 30.76 7.22 -5.98
CA ILE A 146 31.01 8.50 -5.30
C ILE A 146 32.53 8.79 -5.37
N LYS A 147 33.36 7.82 -5.00
CA LYS A 147 34.83 8.01 -5.02
C LYS A 147 35.31 8.37 -6.45
N SER A 148 34.74 7.68 -7.46
CA SER A 148 35.10 7.89 -8.87
C SER A 148 34.72 9.29 -9.34
N VAL A 149 33.54 9.78 -8.93
CA VAL A 149 33.07 11.13 -9.28
C VAL A 149 33.94 12.20 -8.60
N LEU A 150 34.25 11.99 -7.30
CA LEU A 150 35.08 12.92 -6.53
C LEU A 150 36.49 13.03 -7.12
N GLN A 151 37.03 11.92 -7.65
CA GLN A 151 38.35 11.87 -8.27
C GLN A 151 38.34 12.56 -9.63
N SER A 152 37.29 12.30 -10.44
CA SER A 152 37.13 12.84 -11.80
C SER A 152 36.78 14.32 -11.82
N CYS A 153 35.86 14.75 -10.93
CA CYS A 153 35.41 16.14 -10.86
C CYS A 153 35.67 16.69 -9.44
N PRO A 154 36.94 17.01 -9.06
CA PRO A 154 37.20 17.49 -7.70
C PRO A 154 36.60 18.85 -7.35
N ASN A 155 36.22 19.64 -8.37
CA ASN A 155 35.65 20.97 -8.14
C ASN A 155 34.12 20.95 -8.08
N THR A 156 33.47 19.82 -8.49
CA THR A 156 32.02 19.79 -8.45
C THR A 156 31.49 19.77 -7.02
N LYS A 157 30.27 20.28 -6.83
CA LYS A 157 29.62 20.22 -5.53
C LYS A 157 28.71 19.00 -5.65
N LEU A 158 29.11 17.91 -4.97
CA LEU A 158 28.41 16.65 -5.07
C LEU A 158 27.27 16.51 -4.08
N VAL A 159 26.10 16.16 -4.59
CA VAL A 159 24.89 15.96 -3.80
C VAL A 159 24.42 14.55 -4.04
N LEU A 160 24.02 13.84 -2.97
CA LEU A 160 23.49 12.50 -3.10
C LEU A 160 22.00 12.57 -2.90
N GLY A 161 21.30 11.80 -3.70
CA GLY A 161 19.85 11.72 -3.58
C GLY A 161 19.39 10.29 -3.69
N GLY A 162 18.27 9.99 -3.05
CA GLY A 162 17.70 8.68 -3.17
C GLY A 162 16.22 8.69 -2.90
N TYR A 163 15.55 7.69 -3.43
CA TYR A 163 14.13 7.48 -3.19
C TYR A 163 13.91 6.01 -2.84
N SER A 164 13.25 5.75 -1.69
CA SER A 164 12.85 4.41 -1.28
C SER A 164 14.06 3.47 -1.24
N GLN A 165 14.11 2.37 -2.05
CA GLN A 165 15.32 1.54 -2.03
C GLN A 165 16.61 2.36 -2.30
N GLY A 166 16.52 3.39 -3.13
CA GLY A 166 17.67 4.22 -3.43
C GLY A 166 18.21 4.93 -2.20
N SER A 167 17.32 5.29 -1.26
CA SER A 167 17.68 5.92 0.01
C SER A 167 18.47 4.90 0.84
N MET A 168 18.07 3.62 0.80
CA MET A 168 18.80 2.52 1.44
C MET A 168 20.19 2.41 0.84
N VAL A 169 20.28 2.45 -0.52
CA VAL A 169 21.57 2.42 -1.22
C VAL A 169 22.47 3.56 -0.75
N VAL A 170 21.93 4.79 -0.65
CA VAL A 170 22.71 5.95 -0.21
C VAL A 170 23.23 5.72 1.22
N HIS A 171 22.34 5.27 2.12
CA HIS A 171 22.75 4.94 3.51
C HIS A 171 23.90 3.90 3.53
N ASN A 172 23.78 2.85 2.71
CA ASN A 172 24.81 1.81 2.63
C ASN A 172 26.09 2.38 2.05
N ALA A 173 25.98 3.23 1.00
CA ALA A 173 27.15 3.84 0.40
C ALA A 173 27.92 4.62 1.48
N ALA A 174 27.20 5.47 2.27
CA ALA A 174 27.80 6.28 3.34
C ALA A 174 28.52 5.40 4.36
N SER A 175 27.91 4.25 4.71
CA SER A 175 28.46 3.27 5.66
C SER A 175 29.77 2.64 5.17
N ASN A 176 29.95 2.60 3.83
CA ASN A 176 31.14 2.07 3.14
C ASN A 176 32.23 3.09 2.87
N LEU A 177 31.96 4.35 3.20
CA LEU A 177 32.93 5.41 2.97
C LEU A 177 33.45 5.98 4.28
N ASP A 178 34.66 6.52 4.27
CA ASP A 178 35.22 7.14 5.45
C ASP A 178 34.67 8.55 5.58
N ALA A 179 34.75 9.12 6.78
CA ALA A 179 34.26 10.48 7.04
C ALA A 179 34.96 11.55 6.20
N ALA A 180 36.24 11.35 5.86
CA ALA A 180 36.98 12.30 5.03
C ALA A 180 36.36 12.37 3.63
N THR A 181 35.97 11.21 3.07
CA THR A 181 35.31 11.16 1.76
C THR A 181 33.92 11.76 1.86
N MET A 182 33.15 11.35 2.90
CA MET A 182 31.80 11.91 3.08
C MET A 182 31.79 13.42 3.34
N SER A 183 32.89 14.00 3.89
CA SER A 183 32.93 15.44 4.13
C SER A 183 33.00 16.24 2.82
N LYS A 184 33.34 15.55 1.71
CA LYS A 184 33.40 16.14 0.38
C LYS A 184 32.00 16.21 -0.26
N ILE A 185 30.99 15.61 0.37
CA ILE A 185 29.60 15.63 -0.13
C ILE A 185 28.92 16.87 0.43
N SER A 186 28.32 17.68 -0.45
CA SER A 186 27.71 18.93 0.02
C SER A 186 26.37 18.71 0.71
N ALA A 187 25.57 17.74 0.24
CA ALA A 187 24.24 17.52 0.79
C ALA A 187 23.76 16.12 0.45
N VAL A 188 22.82 15.63 1.27
CA VAL A 188 22.17 14.35 1.01
C VAL A 188 20.68 14.59 1.16
N VAL A 189 19.89 14.15 0.16
CA VAL A 189 18.42 14.28 0.21
C VAL A 189 17.84 12.89 0.04
N LEU A 190 17.08 12.43 1.04
CA LEU A 190 16.47 11.10 0.97
C LEU A 190 14.96 11.22 1.00
N PHE A 191 14.32 10.70 -0.03
CA PHE A 191 12.85 10.69 -0.12
C PHE A 191 12.38 9.30 0.24
N GLY A 192 11.37 9.23 1.09
CA GLY A 192 10.77 7.97 1.51
C GLY A 192 11.80 6.97 1.96
N ASP A 193 12.63 7.38 2.92
CA ASP A 193 13.74 6.63 3.44
C ASP A 193 13.31 5.40 4.23
N PRO A 194 13.62 4.18 3.77
CA PRO A 194 13.26 2.98 4.52
C PRO A 194 13.97 2.90 5.88
N TYR A 195 15.12 3.61 6.01
CA TYR A 195 15.92 3.66 7.24
C TYR A 195 15.63 4.92 8.04
N TYR A 196 14.44 5.55 7.83
CA TYR A 196 14.03 6.76 8.54
C TYR A 196 14.27 6.58 10.04
N GLY A 197 14.94 7.55 10.64
CA GLY A 197 15.31 7.54 12.05
C GLY A 197 16.80 7.31 12.26
N LYS A 198 17.46 6.67 11.29
CA LYS A 198 18.89 6.41 11.34
C LYS A 198 19.62 7.50 10.56
N PRO A 199 20.66 8.14 11.12
CA PRO A 199 21.36 9.19 10.35
C PRO A 199 22.24 8.60 9.24
N VAL A 200 22.59 9.43 8.25
CA VAL A 200 23.47 8.99 7.16
C VAL A 200 24.83 8.79 7.85
N ALA A 201 25.41 7.59 7.71
CA ALA A 201 26.67 7.27 8.38
C ALA A 201 27.84 8.18 7.96
N ASN A 202 28.76 8.46 8.92
CA ASN A 202 30.04 9.18 8.68
C ASN A 202 29.83 10.53 8.02
N PHE A 203 28.74 11.22 8.36
CA PHE A 203 28.38 12.46 7.68
C PHE A 203 27.69 13.42 8.63
N ASP A 204 27.78 14.72 8.37
CA ASP A 204 27.16 15.73 9.21
C ASP A 204 25.66 15.76 8.89
N ALA A 205 24.82 15.36 9.86
CA ALA A 205 23.36 15.33 9.76
C ALA A 205 22.71 16.69 9.38
N ALA A 206 23.42 17.82 9.64
CA ALA A 206 22.92 19.16 9.27
C ALA A 206 22.86 19.31 7.74
N LYS A 207 23.62 18.46 7.03
CA LYS A 207 23.69 18.47 5.57
C LYS A 207 22.78 17.43 4.94
N THR A 208 21.92 16.79 5.75
CA THR A 208 20.97 15.78 5.28
C THR A 208 19.54 16.25 5.44
N LEU A 209 18.71 15.97 4.41
CA LEU A 209 17.28 16.21 4.45
C LEU A 209 16.61 14.89 4.16
N VAL A 210 15.84 14.41 5.11
CA VAL A 210 15.09 13.18 4.92
C VAL A 210 13.64 13.57 4.84
N VAL A 211 13.00 13.27 3.71
CA VAL A 211 11.61 13.60 3.46
C VAL A 211 10.81 12.33 3.61
N CYS A 212 10.04 12.24 4.70
CA CYS A 212 9.24 11.07 5.01
C CYS A 212 7.84 11.50 5.36
N HIS A 213 6.87 11.12 4.53
CA HIS A 213 5.48 11.49 4.71
C HIS A 213 4.81 10.69 5.80
N ASP A 214 3.83 11.33 6.45
CA ASP A 214 3.04 10.66 7.48
C ASP A 214 2.19 9.61 6.77
N GLY A 215 2.16 8.41 7.32
CA GLY A 215 1.38 7.33 6.73
C GLY A 215 2.12 6.52 5.67
N ASP A 216 3.40 6.88 5.43
CA ASP A 216 4.27 6.14 4.53
C ASP A 216 4.87 4.93 5.31
N ASN A 217 4.35 3.72 5.06
CA ASN A 217 4.82 2.49 5.72
C ASN A 217 6.30 2.16 5.44
N ILE A 218 6.83 2.64 4.30
CA ILE A 218 8.24 2.41 3.93
C ILE A 218 9.13 3.12 4.93
N CYS A 219 8.75 4.36 5.33
CA CYS A 219 9.46 5.15 6.33
C CYS A 219 9.38 4.55 7.72
N GLN A 220 8.39 3.67 7.94
CA GLN A 220 8.20 2.97 9.22
C GLN A 220 8.97 1.63 9.24
N GLY A 221 9.81 1.40 8.23
CA GLY A 221 10.60 0.18 8.11
C GLY A 221 9.83 -0.99 7.55
N GLY A 222 8.63 -0.69 7.05
CA GLY A 222 7.71 -1.67 6.47
C GLY A 222 7.90 -1.86 4.98
N ASP A 223 7.04 -2.72 4.40
CA ASP A 223 7.10 -3.08 2.97
C ASP A 223 5.91 -2.62 2.17
N ILE A 224 4.92 -1.99 2.81
CA ILE A 224 3.68 -1.60 2.14
C ILE A 224 3.76 -0.27 1.43
N ILE A 225 3.53 -0.30 0.10
CA ILE A 225 3.54 0.91 -0.72
C ILE A 225 2.13 1.51 -0.67
N LEU A 226 2.03 2.72 -0.15
CA LEU A 226 0.75 3.40 -0.05
C LEU A 226 0.88 4.73 -0.77
N LEU A 227 -0.25 5.40 -1.06
CA LEU A 227 -0.23 6.70 -1.74
C LEU A 227 0.76 7.71 -1.14
N PRO A 228 0.93 7.89 0.21
CA PRO A 228 1.91 8.88 0.69
C PRO A 228 3.35 8.59 0.26
N HIS A 229 3.65 7.33 -0.14
CA HIS A 229 5.00 6.98 -0.59
C HIS A 229 5.25 7.39 -2.04
N LEU A 230 4.18 7.66 -2.81
CA LEU A 230 4.27 7.94 -4.23
C LEU A 230 4.24 9.41 -4.61
N THR A 231 4.08 10.27 -3.62
CA THR A 231 3.88 11.72 -3.80
C THR A 231 5.08 12.60 -3.52
N TYR A 232 6.30 12.03 -3.37
CA TYR A 232 7.49 12.82 -3.07
C TYR A 232 7.88 13.88 -4.08
N ALA A 233 7.29 13.83 -5.29
CA ALA A 233 7.54 14.87 -6.29
C ALA A 233 7.05 16.23 -5.73
N GLU A 234 6.05 16.21 -4.81
CA GLU A 234 5.53 17.44 -4.21
C GLU A 234 6.57 18.16 -3.32
N ASP A 235 7.60 17.43 -2.88
CA ASP A 235 8.65 17.97 -2.02
C ASP A 235 9.91 18.38 -2.77
N ALA A 236 9.86 18.35 -4.11
CA ALA A 236 10.98 18.72 -4.98
C ALA A 236 11.48 20.15 -4.75
N ASP A 237 10.56 21.12 -4.63
CA ASP A 237 10.93 22.52 -4.39
C ASP A 237 11.59 22.68 -3.03
N THR A 238 11.00 22.08 -1.98
CA THR A 238 11.51 22.11 -0.60
C THR A 238 12.93 21.51 -0.56
N ALA A 239 13.11 20.36 -1.23
CA ALA A 239 14.42 19.68 -1.29
C ALA A 239 15.45 20.54 -2.03
N ALA A 240 15.05 21.18 -3.14
CA ALA A 240 15.96 22.06 -3.90
C ALA A 240 16.41 23.25 -3.04
N ALA A 241 15.45 23.86 -2.30
CA ALA A 241 15.68 24.98 -1.39
C ALA A 241 16.69 24.61 -0.29
N PHE A 242 16.65 23.36 0.19
CA PHE A 242 17.59 22.84 1.19
C PHE A 242 19.01 22.73 0.63
N VAL A 243 19.13 22.24 -0.62
CA VAL A 243 20.41 22.00 -1.28
C VAL A 243 21.16 23.29 -1.61
N VAL A 244 20.45 24.27 -2.21
CA VAL A 244 21.09 25.52 -2.64
C VAL A 244 22.08 26.17 -1.66
N PRO A 245 21.73 26.48 -0.38
CA PRO A 245 22.74 27.08 0.52
C PRO A 245 23.93 26.16 0.79
N LEU A 246 23.72 24.83 0.69
CA LEU A 246 24.76 23.85 0.93
C LEU A 246 25.74 23.69 -0.21
N VAL A 247 25.36 24.18 -1.40
CA VAL A 247 26.25 24.08 -2.56
C VAL A 247 27.03 25.34 -2.80
N SER A 248 27.13 26.12 -1.71
CA SER A 248 28.07 27.17 -1.39
C SER A 248 27.76 28.67 -1.60
N HIS A 249 28.77 29.63 -1.64
CA HIS A 249 30.20 29.70 -1.23
C HIS A 249 31.45 28.99 -1.95
N HIS A 250 32.71 29.47 -1.76
CA HIS A 250 33.26 30.64 -1.07
C HIS A 250 33.98 30.31 0.19
N TRP B 31 -15.38 13.05 -3.46
CA TRP B 31 -15.00 11.88 -4.27
C TRP B 31 -16.08 11.33 -5.23
N PRO B 32 -17.42 11.55 -5.04
CA PRO B 32 -18.39 10.99 -5.99
C PRO B 32 -18.15 11.35 -7.45
N SER B 33 -17.84 12.64 -7.75
CA SER B 33 -17.55 13.05 -9.13
C SER B 33 -16.21 12.47 -9.61
N ILE B 34 -15.23 12.33 -8.69
CA ILE B 34 -13.93 11.73 -8.98
C ILE B 34 -14.13 10.25 -9.37
N ASN B 35 -14.94 9.51 -8.58
CA ASN B 35 -15.27 8.11 -8.88
C ASN B 35 -16.06 7.99 -10.16
N GLU B 36 -17.00 8.94 -10.43
CA GLU B 36 -17.80 8.99 -11.66
C GLU B 36 -16.87 9.10 -12.86
N PHE B 37 -15.82 9.96 -12.77
CA PHE B 37 -14.81 10.14 -13.82
C PHE B 37 -13.97 8.87 -13.99
N LEU B 38 -13.48 8.29 -12.87
CA LEU B 38 -12.68 7.07 -12.89
C LEU B 38 -13.47 5.89 -13.46
N SER B 39 -14.78 5.83 -13.16
CA SER B 39 -15.67 4.80 -13.65
C SER B 39 -15.89 4.91 -15.18
N GLU B 40 -15.87 6.14 -15.74
CA GLU B 40 -15.96 6.40 -17.19
C GLU B 40 -14.66 5.89 -17.84
N LEU B 41 -13.50 6.12 -17.18
CA LEU B 41 -12.18 5.67 -17.67
C LEU B 41 -12.07 4.15 -17.70
N ALA B 42 -12.82 3.45 -16.81
CA ALA B 42 -12.89 1.97 -16.74
C ALA B 42 -13.55 1.40 -18.00
N LYS B 43 -14.25 2.25 -18.78
CA LYS B 43 -14.95 1.90 -20.03
C LYS B 43 -14.16 2.27 -21.30
N VAL B 44 -12.93 2.82 -21.18
CA VAL B 44 -12.14 3.29 -22.33
C VAL B 44 -11.12 2.26 -22.89
N MET B 45 -11.24 0.98 -22.49
CA MET B 45 -10.31 -0.08 -22.92
C MET B 45 -8.78 0.02 -22.51
N PRO B 46 -8.18 0.98 -21.73
CA PRO B 46 -6.74 0.82 -21.43
C PRO B 46 -6.57 0.02 -20.13
N ILE B 47 -6.84 0.70 -18.98
CA ILE B 47 -6.84 0.23 -17.59
C ILE B 47 -7.42 -1.18 -17.54
N GLY B 48 -8.74 -1.34 -17.65
CA GLY B 48 -9.40 -2.64 -17.65
C GLY B 48 -8.64 -3.72 -16.93
N ASP B 49 -7.76 -4.45 -17.66
CA ASP B 49 -6.88 -5.51 -17.15
C ASP B 49 -5.71 -4.97 -16.29
N THR B 50 -5.21 -3.73 -16.55
CA THR B 50 -4.18 -3.05 -15.74
C THR B 50 -4.84 -2.92 -14.37
N ILE B 51 -5.97 -2.17 -14.32
CA ILE B 51 -6.79 -1.93 -13.13
C ILE B 51 -7.51 -3.24 -12.70
N THR B 52 -7.08 -4.41 -13.26
CA THR B 52 -7.56 -5.75 -12.92
C THR B 52 -6.41 -6.58 -12.38
N ALA B 53 -5.63 -7.31 -13.23
CA ALA B 53 -4.51 -8.18 -12.84
C ALA B 53 -3.56 -7.61 -11.77
N ALA B 54 -3.67 -6.28 -11.48
CA ALA B 54 -2.98 -5.66 -10.35
C ALA B 54 -3.70 -6.16 -9.08
N CYS B 55 -5.05 -6.28 -9.13
CA CYS B 55 -5.94 -6.78 -8.08
C CYS B 55 -5.74 -8.29 -7.90
N ASP B 56 -5.54 -9.05 -9.01
CA ASP B 56 -5.30 -10.50 -8.93
C ASP B 56 -3.90 -10.74 -8.38
N LEU B 57 -2.93 -9.84 -8.66
CA LEU B 57 -1.57 -9.95 -8.12
C LEU B 57 -1.61 -9.70 -6.60
N ILE B 58 -2.33 -8.65 -6.16
CA ILE B 58 -2.55 -8.32 -4.74
C ILE B 58 -3.25 -9.51 -4.07
N SER B 59 -4.33 -10.04 -4.71
CA SER B 59 -5.09 -11.20 -4.25
C SER B 59 -4.20 -12.43 -4.08
N ASP B 60 -3.34 -12.74 -5.08
CA ASP B 60 -2.40 -13.87 -5.04
C ASP B 60 -1.37 -13.73 -3.93
N GLY B 61 -0.88 -12.51 -3.71
CA GLY B 61 0.07 -12.19 -2.65
C GLY B 61 -0.54 -12.42 -1.29
N GLU B 62 -1.81 -12.01 -1.13
CA GLU B 62 -2.58 -12.20 0.10
C GLU B 62 -2.88 -13.69 0.30
N ASP B 63 -3.21 -14.41 -0.78
CA ASP B 63 -3.50 -15.84 -0.79
C ASP B 63 -2.26 -16.66 -0.39
N ALA B 64 -1.06 -16.23 -0.86
CA ALA B 64 0.22 -16.87 -0.56
C ALA B 64 0.54 -16.74 0.92
N ALA B 65 0.25 -15.56 1.52
CA ALA B 65 0.43 -15.29 2.94
C ALA B 65 -0.53 -16.12 3.79
N ALA B 66 -1.78 -16.30 3.32
CA ALA B 66 -2.82 -17.09 4.00
C ALA B 66 -2.42 -18.56 4.17
N SER B 67 -1.94 -19.20 3.08
CA SER B 67 -1.51 -20.60 3.06
C SER B 67 -0.28 -20.85 3.92
N LEU B 68 0.61 -19.84 4.03
CA LEU B 68 1.84 -19.90 4.82
C LEU B 68 1.54 -19.88 6.33
N PHE B 69 0.60 -19.04 6.77
CA PHE B 69 0.24 -18.91 8.19
C PHE B 69 -1.02 -19.69 8.62
N GLY B 70 -1.54 -20.53 7.71
CA GLY B 70 -2.71 -21.37 7.96
C GLY B 70 -4.01 -20.62 8.15
N ILE B 71 -4.15 -19.45 7.49
CA ILE B 71 -5.35 -18.61 7.56
C ILE B 71 -6.35 -19.06 6.47
N SER B 72 -7.59 -19.37 6.88
CA SER B 72 -8.62 -19.81 5.94
C SER B 72 -9.26 -18.59 5.27
N GLU B 73 -9.05 -18.46 3.95
CA GLU B 73 -9.56 -17.36 3.14
C GLU B 73 -10.91 -17.70 2.50
N THR B 74 -11.41 -18.93 2.72
CA THR B 74 -12.68 -19.40 2.17
C THR B 74 -13.51 -20.10 3.24
N GLU B 75 -14.77 -19.66 3.40
CA GLU B 75 -15.73 -20.23 4.34
C GLU B 75 -17.07 -20.44 3.65
N ASN B 76 -17.62 -21.66 3.78
CA ASN B 76 -18.91 -22.05 3.20
C ASN B 76 -19.57 -23.05 4.16
N ASP B 77 -19.54 -22.75 5.47
CA ASP B 77 -20.10 -23.63 6.48
C ASP B 77 -21.61 -23.71 6.43
N PRO B 78 -22.21 -24.85 6.85
CA PRO B 78 -23.66 -24.88 7.02
C PRO B 78 -23.96 -23.99 8.24
N CYS B 79 -25.21 -23.53 8.38
CA CYS B 79 -25.58 -22.67 9.50
C CYS B 79 -25.25 -23.31 10.83
N GLY B 80 -24.74 -22.51 11.76
CA GLY B 80 -24.48 -22.96 13.12
C GLY B 80 -25.58 -22.41 14.01
N ASP B 81 -25.32 -22.36 15.34
CA ASP B 81 -26.20 -21.74 16.31
C ASP B 81 -26.24 -20.24 15.92
N VAL B 82 -25.05 -19.73 15.52
CA VAL B 82 -24.83 -18.39 14.99
C VAL B 82 -24.25 -18.56 13.61
N THR B 83 -24.72 -17.77 12.63
CA THR B 83 -24.20 -17.81 11.28
C THR B 83 -23.76 -16.41 10.90
N VAL B 84 -22.55 -16.29 10.31
CA VAL B 84 -22.04 -15.00 9.82
C VAL B 84 -21.93 -15.07 8.31
N LEU B 85 -22.51 -14.05 7.65
CA LEU B 85 -22.46 -13.84 6.21
C LEU B 85 -21.50 -12.67 6.01
N PHE B 86 -20.32 -12.95 5.44
CA PHE B 86 -19.28 -11.95 5.31
C PHE B 86 -18.93 -11.51 3.89
N ALA B 87 -18.95 -10.19 3.65
CA ALA B 87 -18.57 -9.64 2.36
C ALA B 87 -17.17 -9.04 2.51
N ARG B 88 -16.20 -9.61 1.82
CA ARG B 88 -14.79 -9.22 1.87
C ARG B 88 -14.49 -7.88 1.18
N GLY B 89 -13.26 -7.41 1.32
CA GLY B 89 -12.83 -6.18 0.67
C GLY B 89 -12.36 -6.43 -0.74
N THR B 90 -12.05 -5.36 -1.46
CA THR B 90 -11.55 -5.42 -2.83
C THR B 90 -10.20 -6.15 -2.85
N CYS B 91 -9.97 -7.05 -3.82
CA CYS B 91 -8.76 -7.86 -3.97
C CYS B 91 -8.51 -8.87 -2.85
N ASP B 92 -9.48 -9.04 -1.91
CA ASP B 92 -9.34 -10.04 -0.84
C ASP B 92 -9.45 -11.44 -1.49
N PRO B 93 -8.57 -12.41 -1.17
CA PRO B 93 -8.67 -13.74 -1.81
C PRO B 93 -9.84 -14.56 -1.24
N GLY B 94 -10.21 -15.63 -1.95
CA GLY B 94 -11.29 -16.53 -1.54
C GLY B 94 -12.62 -15.83 -1.39
N ASN B 95 -13.39 -16.16 -0.34
CA ASN B 95 -14.67 -15.48 -0.12
C ASN B 95 -14.75 -14.70 1.20
N VAL B 96 -13.68 -14.76 2.03
CA VAL B 96 -13.63 -14.02 3.30
C VAL B 96 -12.37 -13.16 3.44
N GLY B 97 -11.40 -13.34 2.55
CA GLY B 97 -10.15 -12.60 2.60
C GLY B 97 -9.25 -13.03 3.73
N VAL B 98 -8.21 -12.22 4.01
CA VAL B 98 -7.18 -12.52 5.01
C VAL B 98 -7.05 -11.44 6.08
N LEU B 99 -7.24 -10.17 5.67
CA LEU B 99 -7.02 -9.02 6.53
C LEU B 99 -7.97 -8.88 7.69
N VAL B 100 -9.26 -9.18 7.48
CA VAL B 100 -10.26 -8.87 8.50
C VAL B 100 -11.14 -10.04 8.92
N GLY B 101 -11.87 -10.60 7.95
CA GLY B 101 -12.82 -11.67 8.16
C GLY B 101 -12.37 -12.78 9.09
N PRO B 102 -11.27 -13.50 8.75
CA PRO B 102 -10.81 -14.61 9.61
C PRO B 102 -10.62 -14.31 11.08
N TRP B 103 -10.13 -13.11 11.40
CA TRP B 103 -9.86 -12.67 12.78
C TRP B 103 -11.14 -12.44 13.54
N PHE B 104 -12.13 -11.86 12.86
CA PHE B 104 -13.45 -11.62 13.41
C PHE B 104 -14.14 -12.96 13.73
N PHE B 105 -14.04 -13.95 12.82
CA PHE B 105 -14.68 -15.25 13.02
C PHE B 105 -14.08 -15.99 14.19
N ASP B 106 -12.74 -15.94 14.30
CA ASP B 106 -11.99 -16.55 15.39
C ASP B 106 -12.38 -15.92 16.73
N SER B 107 -12.43 -14.57 16.81
CA SER B 107 -12.81 -13.87 18.04
C SER B 107 -14.26 -14.17 18.41
N LEU B 108 -15.16 -14.21 17.39
CA LEU B 108 -16.57 -14.51 17.61
C LEU B 108 -16.76 -15.93 18.13
N GLN B 109 -16.10 -16.93 17.49
CA GLN B 109 -16.22 -18.30 17.96
C GLN B 109 -15.69 -18.45 19.40
N THR B 110 -14.57 -17.77 19.75
CA THR B 110 -14.01 -17.79 21.11
C THR B 110 -15.01 -17.21 22.10
N ALA B 111 -15.60 -16.05 21.77
CA ALA B 111 -16.59 -15.36 22.60
C ALA B 111 -17.89 -16.16 22.76
N LEU B 112 -18.24 -16.99 21.78
CA LEU B 112 -19.45 -17.82 21.80
C LEU B 112 -19.30 -19.10 22.61
N GLY B 113 -18.06 -19.47 22.94
CA GLY B 113 -17.76 -20.68 23.69
C GLY B 113 -18.19 -21.95 22.96
N SER B 114 -19.07 -22.73 23.60
CA SER B 114 -19.59 -24.00 23.11
C SER B 114 -20.53 -23.91 21.92
N ARG B 115 -21.22 -22.76 21.72
CA ARG B 115 -22.10 -22.71 20.60
CA ARG B 115 -22.15 -22.62 20.61
C ARG B 115 -21.44 -22.47 19.29
N THR B 116 -21.85 -23.24 18.31
CA THR B 116 -21.27 -23.30 16.99
C THR B 116 -21.48 -22.04 16.16
N LEU B 117 -20.41 -21.64 15.48
CA LEU B 117 -20.41 -20.55 14.54
C LEU B 117 -20.22 -21.14 13.15
N GLY B 118 -21.13 -20.81 12.26
CA GLY B 118 -21.06 -21.19 10.86
C GLY B 118 -20.72 -19.93 10.10
N VAL B 119 -19.69 -19.98 9.25
CA VAL B 119 -19.31 -18.79 8.47
C VAL B 119 -19.52 -19.05 6.99
N LYS B 120 -20.16 -18.10 6.31
CA LYS B 120 -20.40 -18.15 4.88
C LYS B 120 -19.86 -16.86 4.28
N GLY B 121 -18.94 -16.99 3.35
CA GLY B 121 -18.42 -15.84 2.63
C GLY B 121 -19.38 -15.45 1.53
N VAL B 122 -19.44 -14.16 1.19
CA VAL B 122 -20.33 -13.70 0.13
C VAL B 122 -19.58 -13.91 -1.20
N PRO B 123 -20.04 -14.85 -2.06
CA PRO B 123 -19.35 -15.07 -3.34
C PRO B 123 -19.62 -13.96 -4.34
N TYR B 124 -18.64 -13.05 -4.49
CA TYR B 124 -18.73 -11.92 -5.40
C TYR B 124 -17.31 -11.56 -5.87
N PRO B 125 -17.15 -10.86 -7.02
CA PRO B 125 -15.79 -10.59 -7.55
C PRO B 125 -14.84 -9.78 -6.69
N ALA B 126 -15.35 -8.83 -5.86
CA ALA B 126 -14.55 -7.92 -5.03
C ALA B 126 -13.54 -7.20 -5.92
N SER B 127 -14.05 -6.57 -7.00
CA SER B 127 -13.26 -5.85 -7.98
C SER B 127 -13.29 -4.34 -7.74
N VAL B 128 -12.26 -3.61 -8.23
CA VAL B 128 -12.11 -2.16 -8.11
C VAL B 128 -13.24 -1.52 -8.92
N GLN B 129 -13.50 -2.08 -10.10
CA GLN B 129 -14.54 -1.67 -11.06
C GLN B 129 -15.89 -1.63 -10.36
N ASP B 130 -16.22 -2.70 -9.59
CA ASP B 130 -17.46 -2.77 -8.82
C ASP B 130 -17.46 -1.77 -7.67
N PHE B 131 -16.28 -1.54 -7.06
CA PHE B 131 -16.17 -0.55 -5.98
C PHE B 131 -16.49 0.83 -6.55
N LEU B 132 -15.91 1.17 -7.71
CA LEU B 132 -16.11 2.48 -8.36
C LEU B 132 -17.55 2.71 -8.78
N SER B 133 -18.27 1.66 -9.19
CA SER B 133 -19.66 1.74 -9.63
C SER B 133 -20.70 1.64 -8.49
N GLY B 134 -20.24 1.31 -7.28
CA GLY B 134 -21.09 1.21 -6.11
C GLY B 134 -21.54 -0.19 -5.74
N SER B 135 -21.08 -1.22 -6.48
CA SER B 135 -21.37 -2.65 -6.24
C SER B 135 -22.88 -2.90 -5.99
N VAL B 136 -23.73 -2.25 -6.82
CA VAL B 136 -25.21 -2.31 -6.72
C VAL B 136 -25.75 -3.73 -6.86
N GLN B 137 -25.32 -4.47 -7.91
CA GLN B 137 -25.73 -5.84 -8.19
C GLN B 137 -25.31 -6.82 -7.10
N ASN B 138 -24.03 -6.75 -6.67
CA ASN B 138 -23.44 -7.60 -5.61
C ASN B 138 -24.24 -7.51 -4.32
N GLY B 139 -24.82 -6.34 -4.05
CA GLY B 139 -25.69 -6.08 -2.92
C GLY B 139 -27.03 -6.79 -3.10
N ILE B 140 -27.67 -6.61 -4.29
CA ILE B 140 -28.92 -7.28 -4.66
C ILE B 140 -28.74 -8.81 -4.53
N ASN B 141 -27.59 -9.34 -4.99
CA ASN B 141 -27.24 -10.76 -4.87
C ASN B 141 -27.09 -11.21 -3.41
N MET B 142 -26.45 -10.37 -2.56
CA MET B 142 -26.27 -10.67 -1.14
C MET B 142 -27.61 -10.64 -0.40
N ALA B 143 -28.50 -9.67 -0.73
CA ALA B 143 -29.84 -9.54 -0.13
C ALA B 143 -30.62 -10.84 -0.34
N ASN B 144 -30.53 -11.39 -1.56
CA ASN B 144 -31.19 -12.65 -1.93
C ASN B 144 -30.53 -13.85 -1.23
N GLN B 145 -29.21 -13.74 -0.97
CA GLN B 145 -28.43 -14.76 -0.24
C GLN B 145 -28.80 -14.71 1.26
N ILE B 146 -29.17 -13.52 1.78
CA ILE B 146 -29.63 -13.32 3.17
C ILE B 146 -30.99 -14.04 3.28
N LYS B 147 -31.89 -13.81 2.30
CA LYS B 147 -33.24 -14.42 2.24
C LYS B 147 -33.17 -15.93 2.15
N SER B 148 -32.22 -16.45 1.34
CA SER B 148 -32.03 -17.88 1.16
C SER B 148 -31.56 -18.56 2.44
N VAL B 149 -30.64 -17.93 3.19
CA VAL B 149 -30.12 -18.44 4.46
C VAL B 149 -31.23 -18.41 5.53
N LEU B 150 -32.02 -17.33 5.58
CA LEU B 150 -33.13 -17.19 6.52
C LEU B 150 -34.21 -18.24 6.29
N GLN B 151 -34.45 -18.61 5.02
CA GLN B 151 -35.41 -19.63 4.64
C GLN B 151 -34.90 -21.03 5.01
N SER B 152 -33.62 -21.32 4.72
CA SER B 152 -32.96 -22.60 4.98
C SER B 152 -32.71 -22.88 6.46
N CYS B 153 -32.23 -21.86 7.20
CA CYS B 153 -31.92 -22.00 8.62
C CYS B 153 -32.74 -20.97 9.44
N PRO B 154 -34.08 -21.16 9.63
CA PRO B 154 -34.86 -20.13 10.36
C PRO B 154 -34.51 -19.95 11.82
N ASN B 155 -33.85 -20.95 12.43
CA ASN B 155 -33.46 -20.90 13.83
C ASN B 155 -32.06 -20.34 14.06
N THR B 156 -31.26 -20.16 13.00
CA THR B 156 -29.91 -19.61 13.19
C THR B 156 -29.98 -18.12 13.57
N LYS B 157 -28.96 -17.64 14.28
CA LYS B 157 -28.87 -16.23 14.61
C LYS B 157 -27.95 -15.69 13.53
N LEU B 158 -28.52 -14.96 12.56
CA LEU B 158 -27.78 -14.45 11.41
C LEU B 158 -27.12 -13.12 11.69
N VAL B 159 -25.82 -13.06 11.40
CA VAL B 159 -24.96 -11.89 11.57
C VAL B 159 -24.40 -11.53 10.19
N LEU B 160 -24.43 -10.24 9.86
CA LEU B 160 -23.84 -9.76 8.60
C LEU B 160 -22.57 -9.05 8.92
N GLY B 161 -21.56 -9.29 8.12
CA GLY B 161 -20.26 -8.65 8.29
C GLY B 161 -19.72 -8.18 6.96
N GLY B 162 -18.93 -7.12 6.99
CA GLY B 162 -18.33 -6.61 5.78
C GLY B 162 -17.07 -5.85 6.07
N TYR B 163 -16.20 -5.79 5.07
CA TYR B 163 -14.97 -5.01 5.14
C TYR B 163 -14.83 -4.21 3.84
N SER B 164 -14.66 -2.89 3.96
CA SER B 164 -14.41 -2.01 2.80
C SER B 164 -15.49 -2.19 1.71
N GLN B 165 -15.16 -2.63 0.47
CA GLN B 165 -16.21 -2.85 -0.52
C GLN B 165 -17.33 -3.79 0.01
N GLY B 166 -16.95 -4.74 0.86
CA GLY B 166 -17.91 -5.67 1.46
C GLY B 166 -18.95 -4.98 2.31
N SER B 167 -18.54 -3.89 2.99
CA SER B 167 -19.43 -3.09 3.80
C SER B 167 -20.45 -2.39 2.89
N MET B 168 -20.00 -1.95 1.69
CA MET B 168 -20.87 -1.37 0.68
C MET B 168 -21.89 -2.40 0.23
N VAL B 169 -21.45 -3.66 0.01
CA VAL B 169 -22.28 -4.79 -0.41
C VAL B 169 -23.38 -5.07 0.64
N VAL B 170 -23.02 -4.98 1.94
CA VAL B 170 -23.97 -5.17 3.05
C VAL B 170 -25.01 -4.05 3.06
N HIS B 171 -24.55 -2.79 2.91
CA HIS B 171 -25.44 -1.63 2.85
C HIS B 171 -26.47 -1.77 1.71
N ASN B 172 -26.00 -2.16 0.50
CA ASN B 172 -26.84 -2.36 -0.68
C ASN B 172 -27.79 -3.54 -0.52
N ALA B 173 -27.38 -4.56 0.27
CA ALA B 173 -28.22 -5.73 0.55
C ALA B 173 -29.38 -5.32 1.48
N ALA B 174 -29.08 -4.49 2.50
CA ALA B 174 -30.08 -3.97 3.44
C ALA B 174 -31.11 -3.10 2.73
N SER B 175 -30.65 -2.24 1.80
CA SER B 175 -31.48 -1.33 1.00
C SER B 175 -32.46 -2.06 0.09
N ASN B 176 -32.14 -3.29 -0.31
CA ASN B 176 -33.03 -4.09 -1.15
C ASN B 176 -33.98 -4.92 -0.27
N LEU B 177 -33.65 -5.05 1.01
CA LEU B 177 -34.46 -5.85 1.92
C LEU B 177 -35.49 -5.06 2.68
N ASP B 178 -36.68 -5.66 2.90
CA ASP B 178 -37.72 -5.00 3.69
C ASP B 178 -37.36 -5.10 5.17
N ALA B 179 -37.94 -4.22 5.99
CA ALA B 179 -37.64 -4.19 7.42
C ALA B 179 -38.01 -5.47 8.12
N ALA B 180 -39.05 -6.18 7.65
CA ALA B 180 -39.47 -7.44 8.24
C ALA B 180 -38.36 -8.50 8.09
N THR B 181 -37.70 -8.54 6.92
CA THR B 181 -36.58 -9.45 6.67
C THR B 181 -35.35 -9.01 7.48
N MET B 182 -35.03 -7.70 7.47
CA MET B 182 -33.90 -7.19 8.24
C MET B 182 -34.08 -7.39 9.75
N SER B 183 -35.32 -7.45 10.27
CA SER B 183 -35.55 -7.66 11.71
C SER B 183 -35.13 -9.06 12.15
N LYS B 184 -34.95 -9.98 11.19
CA LYS B 184 -34.50 -11.34 11.44
C LYS B 184 -32.97 -11.41 11.57
N ILE B 185 -32.26 -10.29 11.29
CA ILE B 185 -30.80 -10.23 11.41
C ILE B 185 -30.47 -9.83 12.84
N SER B 186 -29.60 -10.59 13.53
CA SER B 186 -29.26 -10.29 14.91
C SER B 186 -28.31 -9.12 15.07
N ALA B 187 -27.33 -9.00 14.15
CA ALA B 187 -26.31 -7.95 14.23
C ALA B 187 -25.68 -7.70 12.88
N VAL B 188 -25.13 -6.49 12.71
CA VAL B 188 -24.38 -6.12 11.52
C VAL B 188 -23.08 -5.50 12.00
N VAL B 189 -21.93 -5.98 11.47
CA VAL B 189 -20.62 -5.43 11.83
C VAL B 189 -19.95 -4.98 10.54
N LEU B 190 -19.64 -3.68 10.43
CA LEU B 190 -18.98 -3.16 9.22
C LEU B 190 -17.62 -2.61 9.57
N PHE B 191 -16.58 -3.15 8.92
CA PHE B 191 -15.21 -2.67 9.11
C PHE B 191 -14.85 -1.80 7.93
N GLY B 192 -14.25 -0.65 8.20
CA GLY B 192 -13.83 0.30 7.17
C GLY B 192 -14.90 0.57 6.14
N ASP B 193 -16.09 0.98 6.63
CA ASP B 193 -17.27 1.23 5.85
C ASP B 193 -17.12 2.43 4.89
N PRO B 194 -17.15 2.21 3.56
CA PRO B 194 -17.07 3.34 2.62
C PRO B 194 -18.27 4.29 2.72
N TYR B 195 -19.40 3.78 3.26
CA TYR B 195 -20.62 4.57 3.44
C TYR B 195 -20.75 5.06 4.89
N TYR B 196 -19.63 5.15 5.63
CA TYR B 196 -19.61 5.64 7.02
C TYR B 196 -20.40 6.94 7.13
N GLY B 197 -21.31 6.99 8.08
CA GLY B 197 -22.19 8.13 8.29
C GLY B 197 -23.63 7.82 7.91
N LYS B 198 -23.83 6.88 6.96
CA LYS B 198 -25.13 6.43 6.51
C LYS B 198 -25.53 5.17 7.30
N PRO B 199 -26.72 5.11 7.90
CA PRO B 199 -27.06 3.89 8.67
C PRO B 199 -27.41 2.73 7.76
N VAL B 200 -27.36 1.50 8.29
CA VAL B 200 -27.74 0.30 7.54
C VAL B 200 -29.25 0.46 7.33
N ALA B 201 -29.69 0.44 6.06
CA ALA B 201 -31.11 0.65 5.73
C ALA B 201 -32.03 -0.39 6.32
N ASN B 202 -33.27 0.03 6.67
CA ASN B 202 -34.35 -0.83 7.15
C ASN B 202 -33.94 -1.70 8.34
N PHE B 203 -33.07 -1.17 9.22
CA PHE B 203 -32.53 -1.93 10.33
C PHE B 203 -32.35 -1.12 11.59
N ASP B 204 -32.34 -1.81 12.75
CA ASP B 204 -32.13 -1.18 14.04
C ASP B 204 -30.67 -0.82 14.21
N ALA B 205 -30.35 0.50 14.10
CA ALA B 205 -28.98 0.99 14.26
C ALA B 205 -28.30 0.52 15.57
N ALA B 206 -29.10 0.18 16.62
CA ALA B 206 -28.59 -0.33 17.89
C ALA B 206 -27.94 -1.70 17.70
N LYS B 207 -28.32 -2.41 16.63
CA LYS B 207 -27.79 -3.74 16.29
C LYS B 207 -26.66 -3.68 15.28
N THR B 208 -26.17 -2.47 14.96
CA THR B 208 -25.07 -2.26 14.03
C THR B 208 -23.84 -1.72 14.72
N LEU B 209 -22.66 -2.24 14.35
CA LEU B 209 -21.38 -1.74 14.80
C LEU B 209 -20.59 -1.39 13.56
N VAL B 210 -20.26 -0.12 13.41
CA VAL B 210 -19.45 0.34 12.29
C VAL B 210 -18.10 0.70 12.88
N VAL B 211 -17.05 0.00 12.43
CA VAL B 211 -15.69 0.21 12.90
C VAL B 211 -14.96 0.99 11.82
N CYS B 212 -14.71 2.28 12.09
CA CYS B 212 -14.04 3.16 11.15
C CYS B 212 -12.95 3.90 11.88
N HIS B 213 -11.70 3.62 11.49
CA HIS B 213 -10.53 4.22 12.11
C HIS B 213 -10.33 5.66 11.68
N ASP B 214 -9.77 6.47 12.58
CA ASP B 214 -9.41 7.85 12.29
C ASP B 214 -8.23 7.78 11.30
N GLY B 215 -8.31 8.59 10.26
CA GLY B 215 -7.30 8.63 9.22
C GLY B 215 -7.56 7.64 8.10
N ASP B 216 -8.68 6.90 8.14
CA ASP B 216 -9.03 5.96 7.08
C ASP B 216 -9.86 6.71 6.07
N ASN B 217 -9.25 7.01 4.93
CA ASN B 217 -9.87 7.75 3.83
C ASN B 217 -11.07 7.03 3.20
N ILE B 218 -11.11 5.67 3.29
CA ILE B 218 -12.21 4.88 2.76
C ILE B 218 -13.49 5.25 3.49
N CYS B 219 -13.39 5.41 4.82
CA CYS B 219 -14.49 5.81 5.69
C CYS B 219 -14.97 7.24 5.41
N GLN B 220 -14.13 8.03 4.74
CA GLN B 220 -14.45 9.41 4.39
C GLN B 220 -15.01 9.52 2.98
N GLY B 221 -15.37 8.37 2.40
CA GLY B 221 -15.91 8.27 1.04
C GLY B 221 -14.88 8.41 -0.06
N GLY B 222 -13.61 8.36 0.32
CA GLY B 222 -12.47 8.45 -0.59
C GLY B 222 -12.06 7.10 -1.12
N ASP B 223 -10.95 7.06 -1.86
CA ASP B 223 -10.44 5.87 -2.51
C ASP B 223 -9.02 5.52 -2.04
N ILE B 224 -8.44 6.33 -1.14
CA ILE B 224 -7.06 6.14 -0.68
C ILE B 224 -6.94 5.12 0.43
N ILE B 225 -6.17 4.04 0.16
CA ILE B 225 -5.88 3.00 1.14
C ILE B 225 -4.70 3.46 1.96
N LEU B 226 -4.93 3.64 3.26
CA LEU B 226 -3.86 4.02 4.16
C LEU B 226 -3.73 2.97 5.24
N LEU B 227 -2.63 2.96 5.99
CA LEU B 227 -2.42 1.97 7.04
C LEU B 227 -3.62 1.81 8.02
N PRO B 228 -4.33 2.89 8.48
CA PRO B 228 -5.49 2.67 9.36
C PRO B 228 -6.59 1.81 8.73
N HIS B 229 -6.64 1.69 7.39
CA HIS B 229 -7.64 0.87 6.72
C HIS B 229 -7.31 -0.62 6.75
N LEU B 230 -6.04 -0.96 7.00
CA LEU B 230 -5.55 -2.35 6.93
C LEU B 230 -5.45 -3.05 8.26
N THR B 231 -5.76 -2.35 9.35
CA THR B 231 -5.58 -2.82 10.71
C THR B 231 -6.86 -3.25 11.46
N TYR B 232 -7.99 -3.43 10.73
CA TYR B 232 -9.25 -3.84 11.36
C TYR B 232 -9.25 -5.17 12.09
N ALA B 233 -8.24 -6.02 11.86
CA ALA B 233 -8.12 -7.27 12.60
C ALA B 233 -7.95 -6.97 14.10
N GLU B 234 -7.42 -5.77 14.46
CA GLU B 234 -7.23 -5.34 15.86
C GLU B 234 -8.58 -5.14 16.58
N ASP B 235 -9.67 -4.94 15.82
CA ASP B 235 -11.01 -4.71 16.36
C ASP B 235 -11.87 -5.97 16.40
N ALA B 236 -11.28 -7.14 16.09
CA ALA B 236 -11.97 -8.43 16.07
C ALA B 236 -12.60 -8.79 17.41
N ASP B 237 -11.85 -8.60 18.53
CA ASP B 237 -12.35 -8.90 19.88
C ASP B 237 -13.52 -7.98 20.23
N THR B 238 -13.35 -6.66 19.98
CA THR B 238 -14.37 -5.63 20.24
C THR B 238 -15.66 -5.95 19.47
N ALA B 239 -15.51 -6.32 18.17
CA ALA B 239 -16.64 -6.67 17.31
C ALA B 239 -17.33 -7.94 17.82
N ALA B 240 -16.57 -8.97 18.25
CA ALA B 240 -17.13 -10.21 18.80
C ALA B 240 -17.93 -9.91 20.07
N ALA B 241 -17.38 -9.06 20.96
CA ALA B 241 -18.01 -8.63 22.22
C ALA B 241 -19.34 -7.93 21.96
N PHE B 242 -19.46 -7.17 20.85
CA PHE B 242 -20.68 -6.47 20.46
C PHE B 242 -21.75 -7.48 20.01
N VAL B 243 -21.32 -8.50 19.24
CA VAL B 243 -22.19 -9.53 18.67
C VAL B 243 -22.84 -10.43 19.73
N VAL B 244 -22.02 -10.97 20.65
CA VAL B 244 -22.49 -11.91 21.67
C VAL B 244 -23.81 -11.57 22.38
N PRO B 245 -24.02 -10.38 23.03
CA PRO B 245 -25.33 -10.09 23.65
C PRO B 245 -26.49 -10.07 22.65
N LEU B 246 -26.19 -9.74 21.37
CA LEU B 246 -27.19 -9.65 20.31
C LEU B 246 -27.61 -11.01 19.76
N VAL B 247 -26.82 -12.06 20.01
CA VAL B 247 -27.18 -13.40 19.52
C VAL B 247 -27.65 -14.30 20.66
N SER B 248 -27.69 -13.75 21.89
CA SER B 248 -27.98 -14.54 23.11
C SER B 248 -29.31 -14.41 23.80
N HIS B 249 -29.89 -15.59 24.12
CA HIS B 249 -31.10 -15.89 24.89
C HIS B 249 -32.46 -15.71 24.20
C1 C11 C . 9.65 2.58 -4.06
C2 C11 C . 8.82 1.55 -4.79
C3 C11 C . 7.77 2.28 -5.61
C4 C11 C . 6.91 1.26 -6.35
C5 C11 C . 6.11 1.98 -7.42
C6 C11 C . 4.74 1.33 -7.56
C7 C11 C . 4.16 1.68 -8.92
C8 C11 C . 3.10 2.77 -8.82
C9 C11 C . 3.08 3.58 -10.10
C10 C11 C . 2.10 4.74 -9.98
C11 C11 C . 1.45 5.03 -11.31
P C11 C . 10.71 1.79 -2.81
O1P C11 C . 11.91 1.20 -3.44
O2P C11 C . 9.83 0.79 -1.94
CY1 C11 C . 10.43 -0.15 -1.07
CY2 C11 C . 9.59 -1.43 -1.12
CY3 C11 C . 9.88 -2.23 -2.38
CY4 C11 C . 9.20 -3.58 -2.27
C1 BOG D . 1.60 -2.19 -3.15
O1 BOG D . 0.95 -1.62 -4.27
C2 BOG D . 0.66 -3.23 -2.55
O2 BOG D . -0.53 -2.61 -2.10
C3 BOG D . 1.35 -3.94 -1.38
O3 BOG D . 0.53 -5.01 -0.92
C4 BOG D . 2.72 -4.48 -1.79
O4 BOG D . 3.39 -5.00 -0.64
C5 BOG D . 3.55 -3.35 -2.41
O5 BOG D . 2.84 -2.79 -3.52
C6 BOG D . 4.89 -3.83 -2.93
O6 BOG D . 5.79 -4.11 -1.86
C1' BOG D . 1.49 -0.36 -4.69
C2' BOG D . 0.43 0.45 -5.41
C3' BOG D . -0.23 1.53 -4.56
C4' BOG D . -1.75 1.49 -4.62
C5' BOG D . -2.49 2.63 -3.92
C6' BOG D . -4.01 2.53 -4.07
C7' BOG D . -4.84 3.46 -3.20
C8' BOG D . -5.10 4.82 -3.80
C1 BOG E . 3.38 18.25 -7.41
O1 BOG E . 3.10 17.09 -6.72
C2 BOG E . 2.91 19.40 -6.53
O2 BOG E . 1.52 19.30 -6.24
C3 BOG E . 3.22 20.71 -7.25
O3 BOG E . 2.80 21.80 -6.45
C4 BOG E . 4.72 20.82 -7.52
O4 BOG E . 4.96 21.92 -8.38
C5 BOG E . 5.33 19.56 -8.16
O5 BOG E . 4.79 18.34 -7.58
C6 BOG E . 6.82 19.52 -7.91
O6 BOG E . 7.53 18.76 -8.86
C1' BOG E . 2.52 16.06 -7.52
C2' BOG E . 2.55 14.83 -6.66
C3' BOG E . 2.81 13.58 -7.44
C4' BOG E . 1.58 12.73 -7.59
C5' BOG E . 1.82 11.49 -8.43
C6' BOG E . 1.59 10.21 -7.67
C7' BOG E . 1.53 8.98 -8.54
C8' BOG E . 0.24 8.24 -8.39
C1 C11 F . -10.28 -2.78 0.94
C2 C11 F . -9.19 -2.71 -0.10
C3 C11 F . -7.85 -2.99 0.53
C4 C11 F . -6.82 -3.11 -0.58
C5 C11 F . -5.71 -4.04 -0.17
C6 C11 F . -4.38 -3.59 -0.75
C7 C11 F . -3.24 -3.67 0.27
C8 C11 F . -2.93 -5.10 0.68
C9 C11 F . -1.67 -5.16 1.53
C10 C11 F . -1.91 -5.95 2.81
P C11 F . -11.72 -1.85 0.38
O1P C11 F . -12.37 -2.63 -0.69
O2P C11 F . -11.22 -0.41 -0.15
CY1 C11 F . -12.10 0.51 -0.81
CY2 C11 F . -11.36 1.36 -1.83
CY3 C11 F . -10.48 0.62 -2.85
CY4 C11 F . -11.27 -0.34 -3.71
#